data_9HDA
#
_entry.id   9HDA
#
_cell.length_a   52.272
_cell.length_b   52.272
_cell.length_c   146.049
_cell.angle_alpha   90.00
_cell.angle_beta   90.00
_cell.angle_gamma   90.00
#
_symmetry.space_group_name_H-M   'P 41 21 2'
#
loop_
_entity.id
_entity.type
_entity.pdbx_description
1 polymer 'Telomeric repeat-binding factor 1'
2 non-polymer 4-IODOPYRAZOLE
3 non-polymer 1,2-ETHANEDIOL
4 water water
#
_entity_poly.entity_id   1
_entity_poly.type   'polypeptide(L)'
_entity_poly.pdbx_seq_one_letter_code
;SNAQVQVGAPEEEEEEEEDAGLVAEAEAVAAGWMLDFLCLSLCRAFRDGRSEDFRRTRNSAEAIIHGLSSLTACQLRTIY
ICQFLTRIAAGKTLDAQFENDERITPLESALMIWGSIEKEHDKLHEEIQNLIKIQAIAVCMENGNFKEAEEVFERIFGDP
NSHMPFKSKLLMIISQKDTFHSFFQHFSYNHMMEKIKSYVNYVLSEKSSTFLMKAAAKVVESKR
;
_entity_poly.pdbx_strand_id   A
#
loop_
_chem_comp.id
_chem_comp.type
_chem_comp.name
_chem_comp.formula
EDO non-polymer 1,2-ETHANEDIOL 'C2 H6 O2'
PYZ non-polymer 4-IODOPYRAZOLE 'C3 H3 I N2'
#
# COMPACT_ATOMS: atom_id res chain seq x y z
N GLU A 15 15.37 -7.11 -41.41
CA GLU A 15 13.93 -7.29 -41.52
C GLU A 15 13.42 -8.49 -40.71
N GLU A 16 14.28 -9.50 -40.48
CA GLU A 16 13.89 -10.66 -39.69
C GLU A 16 14.06 -10.31 -38.22
N GLU A 17 15.30 -10.00 -37.83
CA GLU A 17 15.61 -9.57 -36.46
C GLU A 17 15.08 -8.16 -36.17
N GLU A 18 14.78 -7.36 -37.21
CA GLU A 18 14.25 -6.00 -37.08
C GLU A 18 12.76 -6.04 -36.79
N ASP A 19 11.99 -6.88 -37.52
CA ASP A 19 10.56 -7.00 -37.29
C ASP A 19 10.28 -7.65 -35.93
N ALA A 20 11.12 -8.61 -35.51
CA ALA A 20 11.00 -9.25 -34.21
C ALA A 20 11.23 -8.23 -33.08
N GLY A 21 12.15 -7.30 -33.30
CA GLY A 21 12.45 -6.24 -32.36
C GLY A 21 11.31 -5.26 -32.24
N LEU A 22 10.65 -4.96 -33.36
CA LEU A 22 9.51 -4.04 -33.41
C LEU A 22 8.31 -4.62 -32.67
N VAL A 23 8.11 -5.95 -32.77
CA VAL A 23 7.05 -6.62 -32.06
C VAL A 23 7.34 -6.54 -30.55
N ALA A 24 8.58 -6.82 -30.14
CA ALA A 24 8.96 -6.76 -28.72
C ALA A 24 8.76 -5.36 -28.13
N GLU A 25 9.06 -4.32 -28.92
CA GLU A 25 8.91 -2.92 -28.53
C GLU A 25 7.45 -2.60 -28.26
N ALA A 26 6.56 -3.05 -29.16
CA ALA A 26 5.10 -2.84 -29.04
C ALA A 26 4.55 -3.62 -27.85
N GLU A 27 4.99 -4.87 -27.66
CA GLU A 27 4.58 -5.66 -26.49
C GLU A 27 4.99 -4.97 -25.18
N ALA A 28 6.15 -4.28 -25.16
CA ALA A 28 6.62 -3.54 -23.98
C ALA A 28 5.76 -2.27 -23.73
N VAL A 29 5.38 -1.53 -24.80
CA VAL A 29 4.48 -0.36 -24.66
C VAL A 29 3.09 -0.87 -24.15
N ALA A 30 2.59 -1.97 -24.75
CA ALA A 30 1.29 -2.51 -24.33
C ALA A 30 1.32 -2.96 -22.88
N ALA A 31 2.39 -3.62 -22.45
CA ALA A 31 2.50 -4.07 -21.05
C ALA A 31 2.60 -2.91 -20.07
N GLY A 32 3.22 -1.81 -20.49
CA GLY A 32 3.31 -0.60 -19.69
C GLY A 32 1.92 0.01 -19.48
N TRP A 33 1.08 0.01 -20.52
CA TRP A 33 -0.31 0.48 -20.41
C TRP A 33 -1.15 -0.42 -19.49
N MET A 34 -0.94 -1.74 -19.59
CA MET A 34 -1.63 -2.72 -18.75
C MET A 34 -1.23 -2.52 -17.28
N LEU A 35 0.07 -2.30 -16.99
CA LEU A 35 0.53 -2.03 -15.62
C LEU A 35 -0.14 -0.78 -15.07
N ASP A 36 -0.12 0.33 -15.82
CA ASP A 36 -0.71 1.60 -15.39
C ASP A 36 -2.21 1.40 -15.06
N PHE A 37 -2.96 0.75 -15.97
CA PHE A 37 -4.38 0.47 -15.76
C PHE A 37 -4.64 -0.36 -14.47
N LEU A 38 -3.84 -1.44 -14.28
CA LEU A 38 -3.99 -2.34 -13.14
C LEU A 38 -3.65 -1.65 -11.82
N CYS A 39 -2.66 -0.74 -11.84
CA CYS A 39 -2.26 0.02 -10.66
C CYS A 39 -3.41 0.94 -10.24
N LEU A 40 -4.05 1.61 -11.22
CA LEU A 40 -5.20 2.48 -10.94
C LEU A 40 -6.44 1.71 -10.46
N SER A 41 -6.72 0.57 -11.08
CA SER A 41 -7.83 -0.28 -10.71
C SER A 41 -7.62 -0.84 -9.25
N LEU A 42 -6.35 -1.08 -8.86
CA LEU A 42 -6.05 -1.57 -7.50
C LEU A 42 -6.32 -0.47 -6.44
N CYS A 43 -5.88 0.78 -6.73
CA CYS A 43 -6.09 1.94 -5.88
C CYS A 43 -7.60 2.18 -5.73
N ARG A 44 -8.35 2.06 -6.85
CA ARG A 44 -9.83 2.20 -6.84
C ARG A 44 -10.48 1.13 -5.96
N ALA A 45 -10.07 -0.14 -6.12
CA ALA A 45 -10.64 -1.23 -5.33
C ALA A 45 -10.33 -1.02 -3.84
N PHE A 46 -9.13 -0.52 -3.51
CA PHE A 46 -8.77 -0.24 -2.13
C PHE A 46 -9.69 0.87 -1.58
N ARG A 47 -9.82 1.99 -2.29
CA ARG A 47 -10.67 3.09 -1.84
C ARG A 47 -12.13 2.64 -1.63
N ASP A 48 -12.69 1.84 -2.56
CA ASP A 48 -14.07 1.38 -2.42
C ASP A 48 -14.27 0.21 -1.46
N GLY A 49 -13.19 -0.34 -0.91
CA GLY A 49 -13.29 -1.48 0.01
C GLY A 49 -13.73 -2.77 -0.68
N ARG A 50 -13.41 -2.91 -1.99
CA ARG A 50 -13.75 -4.13 -2.75
C ARG A 50 -12.56 -5.09 -2.63
N SER A 51 -12.46 -5.80 -1.50
CA SER A 51 -11.37 -6.71 -1.12
C SER A 51 -11.02 -7.80 -2.13
N GLU A 52 -12.02 -8.51 -2.66
CA GLU A 52 -11.77 -9.58 -3.62
C GLU A 52 -11.25 -9.02 -4.93
N ASP A 53 -11.77 -7.86 -5.37
CA ASP A 53 -11.31 -7.20 -6.58
C ASP A 53 -9.86 -6.75 -6.42
N PHE A 54 -9.50 -6.25 -5.23
CA PHE A 54 -8.14 -5.81 -4.93
C PHE A 54 -7.23 -7.04 -4.98
N ARG A 55 -7.66 -8.16 -4.38
CA ARG A 55 -6.86 -9.39 -4.40
C ARG A 55 -6.62 -9.88 -5.86
N ARG A 56 -7.69 -10.00 -6.65
CA ARG A 56 -7.56 -10.45 -8.05
C ARG A 56 -6.75 -9.49 -8.91
N THR A 57 -6.92 -8.16 -8.74
CA THR A 57 -6.16 -7.18 -9.52
C THR A 57 -4.70 -7.15 -9.09
N ARG A 58 -4.40 -7.40 -7.79
CA ARG A 58 -3.02 -7.46 -7.33
C ARG A 58 -2.30 -8.63 -8.00
N ASN A 59 -2.96 -9.80 -8.05
CA ASN A 59 -2.44 -10.99 -8.71
C ASN A 59 -2.12 -10.68 -10.19
N SER A 60 -3.04 -9.99 -10.91
CA SER A 60 -2.86 -9.61 -12.31
C SER A 60 -1.68 -8.65 -12.44
N ALA A 61 -1.62 -7.60 -11.58
CA ALA A 61 -0.50 -6.65 -11.66
C ALA A 61 0.87 -7.33 -11.42
N GLU A 62 0.97 -8.26 -10.46
CA GLU A 62 2.24 -8.95 -10.21
C GLU A 62 2.72 -9.77 -11.41
N ALA A 63 1.80 -10.49 -12.06
CA ALA A 63 2.16 -11.29 -13.24
C ALA A 63 2.60 -10.32 -14.37
N ILE A 64 1.88 -9.21 -14.55
CA ILE A 64 2.29 -8.21 -15.55
C ILE A 64 3.68 -7.63 -15.28
N ILE A 65 4.01 -7.34 -14.00
CA ILE A 65 5.35 -6.82 -13.66
C ILE A 65 6.44 -7.81 -14.06
N HIS A 66 6.18 -9.14 -13.87
CA HIS A 66 7.15 -10.20 -14.21
C HIS A 66 7.44 -10.32 -15.71
N GLY A 67 6.57 -9.79 -16.56
CA GLY A 67 6.76 -9.85 -18.01
C GLY A 67 7.32 -8.57 -18.62
N LEU A 68 7.68 -7.57 -17.78
CA LEU A 68 8.26 -6.30 -18.19
C LEU A 68 9.72 -6.25 -17.80
N SER A 69 10.58 -5.66 -18.63
CA SER A 69 11.99 -5.49 -18.26
C SER A 69 12.44 -4.05 -18.07
N SER A 70 11.55 -3.07 -18.30
CA SER A 70 11.90 -1.65 -18.08
C SER A 70 10.74 -0.93 -17.41
N LEU A 71 11.05 -0.02 -16.48
CA LEU A 71 10.00 0.73 -15.77
C LEU A 71 10.45 2.17 -15.63
N THR A 72 9.55 3.11 -15.86
CA THR A 72 9.86 4.52 -15.67
C THR A 72 9.86 4.82 -14.17
N ALA A 73 10.40 5.97 -13.77
CA ALA A 73 10.37 6.38 -12.36
C ALA A 73 8.92 6.54 -11.88
N CYS A 74 8.02 7.00 -12.76
CA CYS A 74 6.60 7.16 -12.47
CA CYS A 74 6.61 7.16 -12.42
C CYS A 74 5.96 5.79 -12.20
N GLN A 75 6.33 4.77 -13.01
CA GLN A 75 5.79 3.41 -12.86
C GLN A 75 6.35 2.76 -11.59
N LEU A 76 7.64 2.99 -11.30
CA LEU A 76 8.23 2.45 -10.09
C LEU A 76 7.59 3.05 -8.84
N ARG A 77 7.35 4.37 -8.82
CA ARG A 77 6.70 5.10 -7.71
C ARG A 77 5.31 4.56 -7.47
N THR A 78 4.56 4.34 -8.55
CA THR A 78 3.20 3.81 -8.49
C THR A 78 3.17 2.38 -7.95
N ILE A 79 4.17 1.57 -8.32
CA ILE A 79 4.29 0.21 -7.80
C ILE A 79 4.54 0.26 -6.28
N TYR A 80 5.36 1.20 -5.83
CA TYR A 80 5.65 1.31 -4.37
C TYR A 80 4.36 1.60 -3.60
N ILE A 81 3.55 2.53 -4.09
CA ILE A 81 2.29 2.92 -3.39
C ILE A 81 1.36 1.70 -3.33
N CYS A 82 1.27 0.96 -4.43
CA CYS A 82 0.39 -0.24 -4.49
C CYS A 82 0.90 -1.28 -3.48
N GLN A 83 2.22 -1.44 -3.36
CA GLN A 83 2.80 -2.39 -2.38
C GLN A 83 2.42 -1.94 -0.96
N PHE A 84 2.46 -0.64 -0.70
CA PHE A 84 2.06 -0.09 0.62
C PHE A 84 0.62 -0.51 0.91
N LEU A 85 -0.27 -0.35 -0.07
CA LEU A 85 -1.69 -0.67 0.14
C LEU A 85 -1.87 -2.16 0.43
N THR A 86 -1.11 -3.01 -0.28
CA THR A 86 -1.19 -4.48 -0.06
C THR A 86 -0.80 -4.83 1.38
N ARG A 87 0.24 -4.19 1.91
CA ARG A 87 0.69 -4.45 3.30
C ARG A 87 -0.35 -3.93 4.29
N ILE A 88 -0.94 -2.77 4.01
CA ILE A 88 -2.00 -2.20 4.89
C ILE A 88 -3.18 -3.18 4.92
N ALA A 89 -3.54 -3.73 3.75
CA ALA A 89 -4.67 -4.70 3.66
C ALA A 89 -4.34 -5.96 4.45
N ALA A 90 -3.06 -6.32 4.54
CA ALA A 90 -2.63 -7.53 5.29
C ALA A 90 -2.10 -7.12 6.67
N GLY A 91 -2.40 -5.90 7.11
CA GLY A 91 -1.89 -5.40 8.39
C GLY A 91 -2.30 -6.29 9.54
N LYS A 92 -3.50 -6.88 9.47
CA LYS A 92 -4.01 -7.72 10.59
C LYS A 92 -3.55 -9.17 10.37
N THR A 93 -2.88 -9.45 9.24
CA THR A 93 -2.36 -10.81 8.95
C THR A 93 -0.91 -10.92 9.43
N LEU A 94 -0.69 -11.06 10.73
CA LEU A 94 0.69 -11.10 11.28
C LEU A 94 1.44 -12.31 10.72
N ASP A 95 0.71 -13.27 10.14
CA ASP A 95 1.35 -14.47 9.54
C ASP A 95 1.97 -14.12 8.19
N ALA A 96 1.67 -12.93 7.67
CA ALA A 96 2.18 -12.54 6.33
C ALA A 96 3.61 -12.01 6.45
N GLN A 97 4.51 -12.50 5.60
CA GLN A 97 5.92 -12.01 5.60
C GLN A 97 6.20 -11.34 4.26
N PHE A 98 6.47 -10.03 4.28
CA PHE A 98 6.74 -9.28 3.02
C PHE A 98 8.24 -8.97 2.92
N GLU A 99 8.98 -9.21 4.00
CA GLU A 99 10.42 -8.86 4.00
C GLU A 99 11.28 -10.11 4.26
N ASN A 100 12.54 -10.08 3.86
CA ASN A 100 13.46 -11.22 4.12
C ASN A 100 13.50 -11.45 5.63
N ASP A 101 13.52 -10.37 6.41
CA ASP A 101 13.45 -10.53 7.89
C ASP A 101 12.01 -10.93 8.23
N GLU A 102 11.82 -12.16 8.71
CA GLU A 102 10.46 -12.67 8.99
C GLU A 102 9.90 -11.99 10.25
N ARG A 103 10.74 -11.24 10.97
CA ARG A 103 10.29 -10.55 12.20
C ARG A 103 9.52 -9.27 11.83
N ILE A 104 9.70 -8.77 10.61
CA ILE A 104 9.05 -7.48 10.22
C ILE A 104 7.55 -7.71 9.98
N THR A 105 6.71 -7.06 10.78
CA THR A 105 5.24 -7.20 10.64
C THR A 105 4.78 -6.45 9.39
N PRO A 106 3.63 -6.81 8.78
CA PRO A 106 3.17 -6.16 7.55
C PRO A 106 3.08 -4.63 7.68
N LEU A 107 2.60 -4.14 8.83
CA LEU A 107 2.45 -2.68 9.05
C LEU A 107 3.82 -2.02 9.12
N GLU A 108 4.81 -2.72 9.68
CA GLU A 108 6.20 -2.18 9.73
C GLU A 108 6.72 -2.03 8.30
N SER A 109 6.45 -3.02 7.44
CA SER A 109 6.89 -2.96 6.02
C SER A 109 6.23 -1.78 5.31
N ALA A 110 4.93 -1.56 5.55
CA ALA A 110 4.21 -0.43 4.92
C ALA A 110 4.82 0.90 5.39
N LEU A 111 5.13 1.01 6.68
CA LEU A 111 5.74 2.24 7.23
C LEU A 111 7.09 2.49 6.54
N MET A 112 7.82 1.41 6.25
CA MET A 112 9.14 1.53 5.58
C MET A 112 8.95 2.11 4.17
N ILE A 113 7.96 1.60 3.42
CA ILE A 113 7.66 2.15 2.06
C ILE A 113 7.15 3.57 2.21
N TRP A 114 6.19 3.78 3.12
CA TRP A 114 5.62 5.11 3.31
C TRP A 114 6.69 6.19 3.53
N GLY A 115 7.73 5.88 4.27
CA GLY A 115 8.83 6.80 4.51
C GLY A 115 9.92 6.83 3.45
N SER A 116 9.74 6.07 2.36
CA SER A 116 10.69 5.90 1.26
C SER A 116 10.19 6.45 -0.07
N ILE A 117 8.86 6.48 -0.27
CA ILE A 117 8.24 7.03 -1.49
C ILE A 117 8.62 8.51 -1.62
N GLU A 118 8.85 8.97 -2.86
CA GLU A 118 9.11 10.38 -3.11
C GLU A 118 7.74 11.03 -3.22
N LYS A 119 7.32 11.73 -2.17
CA LYS A 119 6.03 12.42 -2.12
C LYS A 119 6.11 13.53 -1.08
N GLU A 120 5.17 14.48 -1.11
CA GLU A 120 5.16 15.57 -0.13
C GLU A 120 4.94 14.99 1.29
N HIS A 121 5.71 15.50 2.26
CA HIS A 121 5.52 15.09 3.64
C HIS A 121 4.61 16.12 4.24
N ASP A 122 3.35 16.10 3.75
CA ASP A 122 2.33 17.02 4.24
C ASP A 122 1.77 16.52 5.60
N LYS A 123 0.83 17.25 6.20
CA LYS A 123 0.24 16.87 7.48
C LYS A 123 -0.45 15.49 7.39
N LEU A 124 -1.12 15.22 6.25
CA LEU A 124 -1.78 13.92 6.03
C LEU A 124 -0.75 12.81 6.05
N HIS A 125 0.45 13.06 5.42
CA HIS A 125 1.53 12.08 5.41
C HIS A 125 1.94 11.70 6.84
N GLU A 126 2.17 12.70 7.71
CA GLU A 126 2.63 12.43 9.07
C GLU A 126 1.59 11.71 9.89
N GLU A 127 0.32 12.09 9.73
CA GLU A 127 -0.78 11.48 10.46
C GLU A 127 -0.93 10.01 10.09
N ILE A 128 -0.80 9.69 8.80
CA ILE A 128 -0.87 8.29 8.34
C ILE A 128 0.27 7.49 8.95
N GLN A 129 1.48 8.08 8.93
CA GLN A 129 2.68 7.50 9.51
C GLN A 129 2.46 7.20 11.00
N ASN A 130 1.97 8.20 11.76
CA ASN A 130 1.74 8.02 13.18
C ASN A 130 0.64 6.98 13.47
N LEU A 131 -0.43 6.92 12.66
CA LEU A 131 -1.48 5.92 12.84
C LEU A 131 -0.96 4.49 12.56
N ILE A 132 -0.11 4.30 11.52
CA ILE A 132 0.50 3.02 11.21
C ILE A 132 1.39 2.55 12.37
N LYS A 133 2.15 3.46 12.99
CA LYS A 133 3.02 3.09 14.13
C LYS A 133 2.16 2.54 15.28
N ILE A 134 1.10 3.27 15.65
CA ILE A 134 0.22 2.86 16.78
C ILE A 134 -0.40 1.49 16.48
N GLN A 135 -0.95 1.32 15.27
CA GLN A 135 -1.66 0.06 14.93
C GLN A 135 -0.67 -1.10 14.83
N ALA A 136 0.58 -0.81 14.44
CA ALA A 136 1.61 -1.88 14.38
C ALA A 136 1.70 -2.54 15.75
N ILE A 137 1.60 -1.74 16.81
CA ILE A 137 1.64 -2.29 18.20
C ILE A 137 0.27 -2.88 18.57
N ALA A 138 -0.82 -2.20 18.19
CA ALA A 138 -2.17 -2.65 18.59
C ALA A 138 -2.44 -4.07 18.10
N VAL A 139 -2.15 -4.34 16.82
CA VAL A 139 -2.47 -5.67 16.23
C VAL A 139 -1.77 -6.76 17.08
N CYS A 140 -0.52 -6.52 17.48
CA CYS A 140 0.24 -7.52 18.25
C CYS A 140 -0.42 -7.72 19.61
N MET A 141 -0.87 -6.63 20.24
CA MET A 141 -1.58 -6.71 21.55
CA MET A 141 -1.57 -6.73 21.54
C MET A 141 -2.97 -7.39 21.43
N GLU A 142 -3.61 -7.14 20.31
CA GLU A 142 -4.98 -7.69 20.12
C GLU A 142 -4.92 -9.20 19.86
N ASN A 143 -3.73 -9.76 19.63
CA ASN A 143 -3.60 -11.23 19.47
C ASN A 143 -2.80 -11.81 20.64
N GLY A 144 -2.43 -10.98 21.61
CA GLY A 144 -1.73 -11.48 22.80
C GLY A 144 -0.23 -11.63 22.59
N ASN A 145 0.28 -11.23 21.43
CA ASN A 145 1.74 -11.28 21.17
C ASN A 145 2.37 -10.06 21.83
N PHE A 146 2.30 -9.97 23.16
CA PHE A 146 2.79 -8.76 23.88
C PHE A 146 4.32 -8.61 23.73
N LYS A 147 5.05 -9.73 23.75
CA LYS A 147 6.52 -9.65 23.55
C LYS A 147 6.80 -9.12 22.15
N GLU A 148 6.07 -9.60 21.15
CA GLU A 148 6.24 -9.10 19.76
C GLU A 148 5.92 -7.60 19.74
N ALA A 149 4.92 -7.19 20.52
CA ALA A 149 4.55 -5.76 20.58
C ALA A 149 5.78 -4.95 21.00
N GLU A 150 6.48 -5.41 22.04
CA GLU A 150 7.67 -4.68 22.55
C GLU A 150 8.74 -4.65 21.46
N GLU A 151 8.91 -5.75 20.74
CA GLU A 151 9.95 -5.82 19.67
C GLU A 151 9.61 -4.80 18.57
N VAL A 152 8.34 -4.75 18.16
CA VAL A 152 7.90 -3.76 17.13
C VAL A 152 8.14 -2.35 17.69
N PHE A 153 7.81 -2.13 18.96
CA PHE A 153 7.99 -0.80 19.59
C PHE A 153 9.46 -0.40 19.52
N GLU A 154 10.36 -1.37 19.75
CA GLU A 154 11.81 -1.06 19.75
C GLU A 154 12.26 -0.72 18.33
N ARG A 155 11.71 -1.39 17.33
CA ARG A 155 12.15 -1.17 15.92
C ARG A 155 11.51 0.11 15.37
N ILE A 156 10.58 0.71 16.11
CA ILE A 156 9.85 1.92 15.61
C ILE A 156 10.13 3.10 16.53
N PHE A 157 10.08 2.89 17.85
CA PHE A 157 10.26 3.99 18.80
C PHE A 157 11.65 4.03 19.42
N GLY A 158 12.65 3.66 18.63
CA GLY A 158 14.05 3.70 19.05
C GLY A 158 14.87 4.68 18.23
N HIS A 163 8.40 11.81 18.86
CA HIS A 163 7.08 11.32 19.27
C HIS A 163 7.00 11.01 20.77
N MET A 164 7.89 11.63 21.59
CA MET A 164 8.02 11.44 23.04
C MET A 164 6.69 11.25 23.84
N PRO A 165 5.65 12.13 23.73
CA PRO A 165 4.43 11.90 24.53
C PRO A 165 3.69 10.60 24.18
N PHE A 166 3.61 10.26 22.88
CA PHE A 166 2.95 9.03 22.47
C PHE A 166 3.84 7.80 22.78
N LYS A 167 5.17 7.97 22.69
CA LYS A 167 6.15 6.93 22.92
C LYS A 167 6.04 6.31 24.32
N SER A 168 5.96 7.14 25.37
CA SER A 168 5.83 6.64 26.73
C SER A 168 4.47 5.99 26.96
N LYS A 169 3.39 6.56 26.37
CA LYS A 169 2.03 6.04 26.50
C LYS A 169 1.93 4.63 25.93
N LEU A 170 2.51 4.40 24.76
CA LEU A 170 2.48 3.09 24.13
C LEU A 170 3.28 2.04 24.91
N LEU A 171 4.46 2.40 25.42
CA LEU A 171 5.26 1.44 26.21
C LEU A 171 4.52 1.04 27.49
N MET A 172 3.85 1.99 28.16
CA MET A 172 3.07 1.71 29.38
C MET A 172 1.88 0.80 29.11
N ILE A 173 1.31 0.83 27.88
CA ILE A 173 0.20 -0.02 27.49
C ILE A 173 0.69 -1.46 27.17
N ILE A 174 1.90 -1.57 26.59
CA ILE A 174 2.51 -2.87 26.32
C ILE A 174 2.83 -3.54 27.68
N SER A 175 3.43 -2.78 28.60
CA SER A 175 3.79 -3.25 29.94
C SER A 175 2.56 -3.67 30.74
N GLN A 176 1.49 -2.86 30.73
CA GLN A 176 0.26 -3.19 31.43
C GLN A 176 -0.56 -4.31 30.76
N LYS A 177 -0.23 -4.64 29.49
CA LYS A 177 -0.89 -5.66 28.67
C LYS A 177 -2.35 -5.34 28.37
N ASP A 178 -2.76 -4.05 28.47
CA ASP A 178 -4.15 -3.69 28.18
C ASP A 178 -4.43 -3.66 26.67
N THR A 179 -4.88 -4.81 26.12
CA THR A 179 -5.21 -4.94 24.70
C THR A 179 -6.38 -4.03 24.34
N PHE A 180 -7.46 -4.07 25.14
CA PHE A 180 -8.65 -3.25 24.92
C PHE A 180 -8.50 -1.84 25.53
N HIS A 181 -7.34 -1.19 25.31
CA HIS A 181 -7.12 0.17 25.84
C HIS A 181 -7.85 1.21 24.98
N SER A 182 -8.28 2.31 25.61
CA SER A 182 -9.00 3.38 24.92
C SER A 182 -8.17 4.12 23.88
N PHE A 183 -6.84 4.22 24.08
CA PHE A 183 -5.94 4.89 23.14
C PHE A 183 -6.03 4.28 21.74
N PHE A 184 -6.04 2.95 21.66
CA PHE A 184 -6.14 2.26 20.37
C PHE A 184 -7.50 2.44 19.71
N GLN A 185 -8.55 2.66 20.48
CA GLN A 185 -9.91 2.86 19.95
C GLN A 185 -10.05 4.24 19.33
N HIS A 186 -9.38 5.25 19.92
CA HIS A 186 -9.37 6.63 19.44
C HIS A 186 -8.53 6.71 18.17
N PHE A 187 -7.36 6.03 18.14
CA PHE A 187 -6.48 5.97 16.98
C PHE A 187 -6.57 4.55 16.46
N SER A 188 -7.77 4.19 15.98
CA SER A 188 -8.15 2.87 15.53
C SER A 188 -7.64 2.46 14.16
N TYR A 189 -7.83 1.18 13.82
CA TYR A 189 -7.48 0.62 12.54
C TYR A 189 -8.37 1.24 11.46
N ASN A 190 -9.66 1.48 11.76
CA ASN A 190 -10.59 2.11 10.84
C ASN A 190 -10.20 3.57 10.58
N HIS A 191 -9.68 4.29 11.58
CA HIS A 191 -9.25 5.68 11.39
C HIS A 191 -8.06 5.72 10.45
N MET A 192 -7.12 4.77 10.64
CA MET A 192 -5.95 4.60 9.80
C MET A 192 -6.41 4.30 8.37
N MET A 193 -7.36 3.34 8.19
CA MET A 193 -7.90 2.98 6.88
C MET A 193 -8.54 4.17 6.17
N GLU A 194 -9.31 5.00 6.90
CA GLU A 194 -9.99 6.17 6.33
C GLU A 194 -9.02 7.25 5.87
N LYS A 195 -7.97 7.53 6.67
CA LYS A 195 -6.97 8.52 6.26
C LYS A 195 -6.22 7.99 5.01
N ILE A 196 -5.91 6.68 4.97
CA ILE A 196 -5.25 6.11 3.81
C ILE A 196 -6.16 6.21 2.57
N LYS A 197 -7.48 5.94 2.73
CA LYS A 197 -8.44 6.09 1.63
C LYS A 197 -8.55 7.52 1.11
N SER A 198 -8.44 8.52 1.98
CA SER A 198 -8.47 9.93 1.55
C SER A 198 -7.27 10.22 0.64
N TYR A 199 -6.12 9.63 0.96
CA TYR A 199 -4.90 9.83 0.12
C TYR A 199 -5.09 9.17 -1.25
N VAL A 200 -5.63 7.96 -1.29
CA VAL A 200 -5.78 7.22 -2.56
C VAL A 200 -6.69 8.05 -3.49
N ASN A 201 -7.77 8.60 -2.94
CA ASN A 201 -8.71 9.42 -3.74
C ASN A 201 -7.95 10.55 -4.42
N TYR A 202 -7.13 11.27 -3.67
CA TYR A 202 -6.36 12.41 -4.23
C TYR A 202 -5.43 11.91 -5.33
N VAL A 203 -4.81 10.75 -5.09
CA VAL A 203 -3.89 10.16 -6.10
C VAL A 203 -4.68 9.92 -7.38
N LEU A 204 -5.81 9.20 -7.28
CA LEU A 204 -6.65 8.90 -8.47
C LEU A 204 -7.09 10.21 -9.11
N SER A 205 -7.42 11.21 -8.29
CA SER A 205 -7.88 12.52 -8.83
C SER A 205 -6.81 13.10 -9.75
N GLU A 206 -5.54 12.93 -9.40
CA GLU A 206 -4.43 13.50 -10.21
C GLU A 206 -3.79 12.39 -11.05
N LYS A 207 -4.51 11.28 -11.26
CA LYS A 207 -3.93 10.13 -11.99
C LYS A 207 -3.44 10.56 -13.38
N SER A 208 -4.06 11.59 -13.97
CA SER A 208 -3.70 12.05 -15.34
C SER A 208 -4.34 11.14 -16.39
N SER A 209 -5.30 10.30 -15.98
CA SER A 209 -6.02 9.42 -16.95
CA SER A 209 -6.02 9.42 -16.95
C SER A 209 -5.14 8.48 -17.78
N THR A 210 -5.22 7.19 -17.45
CA THR A 210 -4.41 6.19 -18.19
C THR A 210 -4.99 6.00 -19.59
N PHE A 211 -4.17 5.54 -20.54
CA PHE A 211 -4.62 5.33 -21.94
C PHE A 211 -5.75 4.29 -22.00
N LEU A 212 -5.56 3.14 -21.36
CA LEU A 212 -6.57 2.04 -21.47
C LEU A 212 -7.91 2.52 -20.90
N MET A 213 -7.90 3.14 -19.72
CA MET A 213 -9.16 3.57 -19.08
C MET A 213 -9.87 4.58 -20.00
N LYS A 214 -9.12 5.52 -20.56
CA LYS A 214 -9.73 6.57 -21.41
C LYS A 214 -10.43 5.92 -22.60
N ALA A 215 -9.74 5.03 -23.31
CA ALA A 215 -10.33 4.40 -24.51
C ALA A 215 -11.56 3.58 -24.12
N ALA A 216 -11.46 2.80 -23.04
CA ALA A 216 -12.58 1.93 -22.64
C ALA A 216 -13.79 2.78 -22.25
N ALA A 217 -13.56 3.83 -21.46
CA ALA A 217 -14.67 4.70 -21.02
C ALA A 217 -15.35 5.30 -22.25
N LYS A 218 -14.57 5.66 -23.27
CA LYS A 218 -15.14 6.19 -24.53
C LYS A 218 -16.09 5.14 -25.11
N VAL A 219 -15.63 3.89 -25.16
CA VAL A 219 -16.47 2.79 -25.73
C VAL A 219 -17.76 2.69 -24.92
N VAL A 220 -17.66 2.74 -23.61
CA VAL A 220 -18.86 2.57 -22.74
C VAL A 220 -19.83 3.71 -23.07
N GLU A 221 -19.34 4.95 -23.06
CA GLU A 221 -20.21 6.12 -23.32
C GLU A 221 -20.79 6.00 -24.73
N SER A 222 -20.00 5.46 -25.67
CA SER A 222 -20.47 5.35 -27.05
C SER A 222 -21.64 4.36 -27.22
N LYS A 223 -22.11 3.74 -26.12
CA LYS A 223 -23.25 2.82 -26.13
C LYS A 223 -24.35 3.28 -25.15
N ARG A 224 -24.39 4.59 -24.82
CA ARG A 224 -25.38 5.15 -23.91
C ARG A 224 -26.44 5.96 -24.67
N1 PYZ B . 2.41 -4.95 -5.36
N2 PYZ B . 1.98 -6.01 -6.06
C3 PYZ B . 1.52 -5.50 -7.21
C4 PYZ B . 1.70 -4.13 -7.23
I4 PYZ B . 1.18 -2.82 -8.74
C5 PYZ B . 2.29 -3.81 -6.05
N1 PYZ C . -10.83 -1.52 2.64
N2 PYZ C . -11.03 -2.68 3.28
C3 PYZ C . -10.32 -3.60 2.63
C4 PYZ C . -9.68 -3.00 1.55
I4 PYZ C . -8.44 -3.91 0.19
C5 PYZ C . -10.01 -1.69 1.59
C1 EDO D . -8.13 -7.29 -12.95
O1 EDO D . -7.57 -8.52 -13.43
C2 EDO D . -8.98 -6.48 -14.00
O2 EDO D . -9.23 -5.13 -13.56
C1 EDO E . 12.34 -3.55 -13.47
O1 EDO E . 13.30 -2.80 -14.17
C2 EDO E . 11.53 -4.45 -14.42
O2 EDO E . 10.68 -5.32 -13.68
C1 EDO F . 13.10 10.56 1.17
O1 EDO F . 13.33 9.65 0.11
C2 EDO F . 11.63 10.90 1.30
O2 EDO F . 11.12 11.40 0.07
#